data_5H2X
#
_entry.id   5H2X
#
_cell.length_a   54.570
_cell.length_b   77.480
_cell.length_c   114.590
_cell.angle_alpha   90.000
_cell.angle_beta   90.000
_cell.angle_gamma   90.000
#
_symmetry.space_group_name_H-M   'P 21 21 21'
#
loop_
_entity.id
_entity.type
_entity.pdbx_description
1 polymer 'Importin subunit alpha'
2 polymer 'Ubiquitin-like-specific protease 1'
3 water water
#
loop_
_entity_poly.entity_id
_entity_poly.type
_entity_poly.pdbx_seq_one_letter_code
_entity_poly.pdbx_strand_id
1 'polypeptide(L)'
;ELPQMTQQLNSDDMQEQLSATVKFRQILSREHRPPIDVVIQAGVVPRLVEFMRENQPEMLQLEAAWALTNIASGTSAQTK
VVVDADAVPLFIQLLYTGSVEVKEQAIWALGNVAGDSTDYRDYVLQCNAMEPILGLFNSNKPSLIRTATWTLSNLCRGKK
PQPDWSVVSQALPTLAKLIYSMDTETLVDACWAISYLSDGPQEAIQAVIDVRIPKRLVELLSHESTLVQTPALRAVGNIV
TGNDLQTQVVINAGVLPALRLLLSSPKENIKKEACWTISNITAGNTEQIQAVIDANLIPPLVKLLEVAEYKTKKEACWAI
SNASSGGLQRPDIIRYLVSQGCIKPLCDLLEIADNRIIEVTLDALENILKMGEADKEARGLNINENADFIEKAGGMEKIF
NCQQNENDKIYEKAYKIIETYFG
;
A
2 'polypeptide(L)' SSDTRKHKFDTSTWALPNKRRRI B
#
# COMPACT_ATOMS: atom_id res chain seq x y z
N GLU A 1 -36.60 -2.70 -24.50
CA GLU A 1 -36.88 -1.26 -24.56
C GLU A 1 -35.70 -0.48 -25.15
N LEU A 2 -34.74 -1.22 -25.69
CA LEU A 2 -33.46 -0.63 -26.10
C LEU A 2 -33.49 0.01 -27.49
N PRO A 3 -34.14 -0.63 -28.47
CA PRO A 3 -34.22 0.07 -29.76
C PRO A 3 -34.99 1.39 -29.68
N GLN A 4 -36.01 1.47 -28.83
CA GLN A 4 -36.71 2.74 -28.65
C GLN A 4 -35.87 3.73 -27.83
N MET A 5 -35.17 3.25 -26.81
CA MET A 5 -34.22 4.10 -26.08
C MET A 5 -33.17 4.68 -27.01
N THR A 6 -32.69 3.86 -27.94
CA THR A 6 -31.67 4.28 -28.89
C THR A 6 -32.19 5.39 -29.81
N GLN A 7 -33.38 5.20 -30.37
CA GLN A 7 -33.97 6.19 -31.25
C GLN A 7 -34.29 7.48 -30.50
N GLN A 8 -34.76 7.35 -29.27
CA GLN A 8 -35.05 8.49 -28.43
C GLN A 8 -33.77 9.27 -28.11
N LEU A 9 -32.68 8.53 -27.97
CA LEU A 9 -31.37 9.13 -27.70
C LEU A 9 -30.86 9.91 -28.90
N ASN A 10 -31.27 9.49 -30.09
CA ASN A 10 -30.82 10.12 -31.32
C ASN A 10 -31.78 11.19 -31.82
N SER A 11 -32.78 11.51 -31.01
CA SER A 11 -33.75 12.54 -31.36
C SER A 11 -33.11 13.93 -31.33
N ASP A 12 -33.55 14.80 -32.24
CA ASP A 12 -33.05 16.17 -32.27
C ASP A 12 -33.65 16.99 -31.13
N ASP A 13 -34.77 16.52 -30.60
CA ASP A 13 -35.39 17.15 -29.44
C ASP A 13 -34.48 16.99 -28.23
N MET A 14 -34.41 18.02 -27.40
CA MET A 14 -33.41 18.08 -26.33
C MET A 14 -33.86 17.38 -25.05
N GLN A 15 -35.15 17.45 -24.75
CA GLN A 15 -35.66 16.94 -23.48
C GLN A 15 -35.90 15.42 -23.54
N GLU A 16 -36.13 14.90 -24.74
CA GLU A 16 -36.24 13.45 -24.89
C GLU A 16 -34.85 12.83 -25.03
N GLN A 17 -33.88 13.64 -25.43
CA GLN A 17 -32.47 13.26 -25.36
C GLN A 17 -32.12 12.95 -23.91
N LEU A 18 -32.51 13.86 -23.03
CA LEU A 18 -32.28 13.71 -21.60
C LEU A 18 -33.05 12.53 -21.03
N SER A 19 -34.29 12.36 -21.49
CA SER A 19 -35.15 11.28 -21.04
C SER A 19 -34.52 9.91 -21.35
N ALA A 20 -33.96 9.78 -22.55
CA ALA A 20 -33.33 8.53 -22.96
C ALA A 20 -32.01 8.31 -22.23
N THR A 21 -31.27 9.40 -22.01
CA THR A 21 -29.98 9.34 -21.33
C THR A 21 -30.14 8.86 -19.89
N VAL A 22 -31.13 9.42 -19.19
CA VAL A 22 -31.46 9.00 -17.84
C VAL A 22 -31.79 7.52 -17.82
N LYS A 23 -32.59 7.10 -18.81
CA LYS A 23 -33.02 5.71 -18.94
C LYS A 23 -31.82 4.79 -19.14
N PHE A 24 -30.85 5.24 -19.93
CA PHE A 24 -29.62 4.48 -20.15
C PHE A 24 -28.80 4.41 -18.88
N ARG A 25 -28.87 5.46 -18.06
CA ARG A 25 -28.12 5.51 -16.81
C ARG A 25 -28.68 4.49 -15.80
N GLN A 26 -30.00 4.42 -15.73
CA GLN A 26 -30.67 3.56 -14.75
C GLN A 26 -30.37 2.08 -14.98
N ILE A 27 -30.44 1.64 -16.23
CA ILE A 27 -30.21 0.22 -16.54
C ILE A 27 -28.73 -0.13 -16.38
N LEU A 28 -27.86 0.85 -16.55
CA LEU A 28 -26.43 0.63 -16.35
C LEU A 28 -26.07 0.70 -14.88
N SER A 29 -26.99 1.19 -14.07
CA SER A 29 -26.77 1.33 -12.63
C SER A 29 -27.27 0.10 -11.87
N ARG A 30 -26.69 -1.05 -12.17
CA ARG A 30 -26.98 -2.28 -11.44
C ARG A 30 -25.69 -2.85 -10.86
N GLU A 31 -25.70 -3.07 -9.54
CA GLU A 31 -24.52 -3.52 -8.81
C GLU A 31 -23.93 -4.81 -9.40
N HIS A 32 -24.80 -5.78 -9.66
CA HIS A 32 -24.35 -7.05 -10.23
C HIS A 32 -24.75 -7.20 -11.69
N ARG A 33 -23.73 -7.34 -12.55
CA ARG A 33 -23.92 -7.59 -13.97
C ARG A 33 -24.87 -6.62 -14.68
N PRO A 34 -24.46 -5.35 -14.81
CA PRO A 34 -25.25 -4.43 -15.63
C PRO A 34 -25.12 -4.79 -17.10
N PRO A 35 -26.17 -4.54 -17.89
CA PRO A 35 -26.18 -4.90 -19.31
C PRO A 35 -25.28 -4.00 -20.15
N ILE A 36 -24.00 -3.96 -19.81
CA ILE A 36 -23.06 -3.06 -20.46
C ILE A 36 -22.83 -3.43 -21.93
N ASP A 37 -22.71 -4.72 -22.20
CA ASP A 37 -22.41 -5.18 -23.55
C ASP A 37 -23.54 -4.88 -24.54
N VAL A 38 -24.78 -5.07 -24.13
CA VAL A 38 -25.91 -4.81 -25.03
C VAL A 38 -26.10 -3.32 -25.23
N VAL A 39 -25.65 -2.52 -24.27
CA VAL A 39 -25.69 -1.06 -24.40
C VAL A 39 -24.63 -0.62 -25.40
N ILE A 40 -23.44 -1.20 -25.28
CA ILE A 40 -22.35 -0.94 -26.21
C ILE A 40 -22.73 -1.38 -27.62
N GLN A 41 -23.38 -2.54 -27.72
CA GLN A 41 -23.78 -3.09 -29.01
C GLN A 41 -24.91 -2.30 -29.66
N ALA A 42 -25.55 -1.44 -28.87
CA ALA A 42 -26.57 -0.54 -29.41
C ALA A 42 -25.91 0.63 -30.13
N GLY A 43 -24.60 0.77 -29.94
CA GLY A 43 -23.83 1.80 -30.61
C GLY A 43 -24.10 3.20 -30.08
N VAL A 44 -24.49 3.30 -28.82
CA VAL A 44 -24.89 4.57 -28.24
C VAL A 44 -23.77 5.31 -27.53
N VAL A 45 -22.62 4.64 -27.35
CA VAL A 45 -21.50 5.23 -26.64
C VAL A 45 -20.99 6.55 -27.26
N PRO A 46 -20.80 6.60 -28.60
CA PRO A 46 -20.37 7.90 -29.14
C PRO A 46 -21.39 9.00 -28.91
N ARG A 47 -22.67 8.66 -28.94
CA ARG A 47 -23.74 9.63 -28.73
C ARG A 47 -23.71 10.17 -27.29
N LEU A 48 -23.44 9.29 -26.34
CA LEU A 48 -23.33 9.69 -24.94
C LEU A 48 -22.15 10.62 -24.73
N VAL A 49 -21.07 10.37 -25.45
CA VAL A 49 -19.89 11.21 -25.41
C VAL A 49 -20.20 12.62 -25.93
N GLU A 50 -21.02 12.69 -26.96
CA GLU A 50 -21.46 13.97 -27.52
C GLU A 50 -22.20 14.81 -26.50
N PHE A 51 -22.90 14.15 -25.60
CA PHE A 51 -23.73 14.85 -24.61
C PHE A 51 -22.90 15.48 -23.50
N MET A 52 -21.62 15.16 -23.45
CA MET A 52 -20.73 15.74 -22.44
C MET A 52 -20.03 16.97 -22.99
N ARG A 53 -20.28 17.30 -24.25
CA ARG A 53 -19.63 18.43 -24.89
C ARG A 53 -20.00 19.74 -24.22
N GLU A 54 -19.08 20.69 -24.30
CA GLU A 54 -19.25 22.04 -23.78
C GLU A 54 -20.55 22.65 -24.33
N ASN A 55 -21.31 23.27 -23.43
CA ASN A 55 -22.60 23.88 -23.75
C ASN A 55 -23.70 22.88 -24.15
N GLN A 56 -23.61 21.67 -23.61
CA GLN A 56 -24.76 20.79 -23.56
C GLN A 56 -25.45 21.10 -22.23
N PRO A 57 -26.77 20.84 -22.12
CA PRO A 57 -27.45 21.05 -20.85
C PRO A 57 -26.73 20.36 -19.70
N GLU A 58 -26.61 21.07 -18.57
CA GLU A 58 -25.87 20.58 -17.41
C GLU A 58 -26.37 19.21 -16.95
N MET A 59 -27.69 19.06 -16.95
CA MET A 59 -28.30 17.79 -16.57
C MET A 59 -27.97 16.67 -17.54
N LEU A 60 -27.88 17.01 -18.83
CA LEU A 60 -27.56 16.03 -19.86
C LEU A 60 -26.10 15.58 -19.74
N GLN A 61 -25.22 16.52 -19.41
CA GLN A 61 -23.81 16.20 -19.20
C GLN A 61 -23.66 15.26 -18.02
N LEU A 62 -24.37 15.56 -16.94
CA LEU A 62 -24.36 14.74 -15.73
C LEU A 62 -24.78 13.30 -15.99
N GLU A 63 -25.92 13.15 -16.67
CA GLU A 63 -26.49 11.83 -16.93
C GLU A 63 -25.65 11.02 -17.91
N ALA A 64 -25.07 11.69 -18.89
CA ALA A 64 -24.23 11.02 -19.88
C ALA A 64 -22.94 10.52 -19.24
N ALA A 65 -22.32 11.38 -18.44
CA ALA A 65 -21.08 11.04 -17.75
C ALA A 65 -21.31 9.89 -16.76
N TRP A 66 -22.49 9.86 -16.17
CA TRP A 66 -22.86 8.81 -15.22
C TRP A 66 -23.00 7.47 -15.95
N ALA A 67 -23.68 7.49 -17.09
CA ALA A 67 -23.84 6.29 -17.90
C ALA A 67 -22.49 5.76 -18.38
N LEU A 68 -21.64 6.67 -18.83
CA LEU A 68 -20.30 6.30 -19.29
C LEU A 68 -19.42 5.83 -18.14
N THR A 69 -19.67 6.38 -16.96
CA THR A 69 -18.94 5.98 -15.75
C THR A 69 -19.10 4.49 -15.47
N ASN A 70 -20.35 4.01 -15.57
CA ASN A 70 -20.65 2.63 -15.24
C ASN A 70 -20.26 1.65 -16.34
N ILE A 71 -20.22 2.12 -17.58
CA ILE A 71 -19.69 1.31 -18.67
C ILE A 71 -18.20 1.10 -18.41
N ALA A 72 -17.54 2.16 -17.95
CA ALA A 72 -16.11 2.11 -17.66
C ALA A 72 -15.82 1.34 -16.36
N SER A 73 -16.86 1.08 -15.59
CA SER A 73 -16.73 0.35 -14.34
C SER A 73 -16.67 -1.16 -14.58
N GLY A 74 -16.92 -1.57 -15.82
CA GLY A 74 -16.93 -2.97 -16.17
C GLY A 74 -15.55 -3.52 -16.47
N THR A 75 -15.48 -4.44 -17.42
CA THR A 75 -14.23 -5.06 -17.80
C THR A 75 -13.34 -4.09 -18.57
N SER A 76 -12.09 -4.49 -18.81
CA SER A 76 -11.14 -3.66 -19.55
C SER A 76 -11.57 -3.47 -21.00
N ALA A 77 -12.18 -4.51 -21.57
CA ALA A 77 -12.68 -4.45 -22.93
C ALA A 77 -13.81 -3.44 -23.05
N GLN A 78 -14.63 -3.36 -22.00
CA GLN A 78 -15.74 -2.41 -21.96
C GLN A 78 -15.24 -1.00 -21.71
N THR A 79 -14.24 -0.87 -20.84
CA THR A 79 -13.64 0.43 -20.56
C THR A 79 -12.96 0.98 -21.82
N LYS A 80 -12.38 0.08 -22.61
CA LYS A 80 -11.71 0.43 -23.85
C LYS A 80 -12.65 1.14 -24.83
N VAL A 81 -13.91 0.71 -24.86
CA VAL A 81 -14.90 1.32 -25.74
C VAL A 81 -15.11 2.80 -25.38
N VAL A 82 -15.15 3.08 -24.09
CA VAL A 82 -15.29 4.46 -23.62
C VAL A 82 -14.07 5.30 -23.99
N VAL A 83 -12.88 4.74 -23.76
CA VAL A 83 -11.63 5.43 -24.08
C VAL A 83 -11.51 5.69 -25.58
N ASP A 84 -11.84 4.68 -26.38
CA ASP A 84 -11.74 4.80 -27.84
C ASP A 84 -12.74 5.80 -28.41
N ALA A 85 -13.75 6.14 -27.63
CA ALA A 85 -14.76 7.11 -28.06
C ALA A 85 -14.37 8.53 -27.67
N ASP A 86 -13.12 8.70 -27.29
CA ASP A 86 -12.57 10.02 -26.91
C ASP A 86 -13.33 10.67 -25.76
N ALA A 87 -13.70 9.86 -24.77
CA ALA A 87 -14.47 10.37 -23.64
C ALA A 87 -13.59 11.06 -22.59
N VAL A 88 -12.35 10.61 -22.48
CA VAL A 88 -11.44 11.09 -21.44
C VAL A 88 -11.15 12.60 -21.52
N PRO A 89 -10.85 13.15 -22.71
CA PRO A 89 -10.64 14.61 -22.74
C PRO A 89 -11.87 15.40 -22.32
N LEU A 90 -13.07 14.84 -22.54
CA LEU A 90 -14.31 15.51 -22.16
C LEU A 90 -14.58 15.37 -20.66
N PHE A 91 -14.22 14.21 -20.10
CA PHE A 91 -14.29 14.02 -18.64
C PHE A 91 -13.49 15.10 -17.93
N ILE A 92 -12.29 15.34 -18.43
CA ILE A 92 -11.38 16.32 -17.85
C ILE A 92 -11.90 17.74 -18.05
N GLN A 93 -12.46 17.99 -19.24
CA GLN A 93 -13.03 19.28 -19.55
C GLN A 93 -14.20 19.59 -18.62
N LEU A 94 -14.95 18.56 -18.22
CA LEU A 94 -16.08 18.72 -17.31
C LEU A 94 -15.62 19.11 -15.90
N LEU A 95 -14.36 18.84 -15.58
CA LEU A 95 -13.81 19.20 -14.27
C LEU A 95 -13.66 20.71 -14.12
N TYR A 96 -13.73 21.43 -15.24
CA TYR A 96 -13.55 22.88 -15.23
C TYR A 96 -14.88 23.62 -15.08
N THR A 97 -15.99 22.89 -15.12
CA THR A 97 -17.31 23.49 -14.99
C THR A 97 -17.56 23.94 -13.55
N GLY A 98 -18.65 24.66 -13.35
CA GLY A 98 -18.99 25.17 -12.03
C GLY A 98 -20.01 24.34 -11.29
N SER A 99 -20.34 23.18 -11.86
CA SER A 99 -21.32 22.27 -11.25
C SER A 99 -20.63 21.14 -10.49
N VAL A 100 -20.78 21.13 -9.18
CA VAL A 100 -20.16 20.09 -8.34
C VAL A 100 -20.72 18.71 -8.65
N GLU A 101 -21.97 18.66 -9.09
CA GLU A 101 -22.58 17.38 -9.46
C GLU A 101 -21.91 16.83 -10.72
N VAL A 102 -21.77 17.69 -11.72
CA VAL A 102 -21.12 17.31 -12.97
C VAL A 102 -19.64 16.98 -12.74
N LYS A 103 -18.98 17.78 -11.92
CA LYS A 103 -17.56 17.57 -11.64
C LYS A 103 -17.29 16.27 -10.90
N GLU A 104 -18.18 15.89 -9.99
CA GLU A 104 -18.00 14.66 -9.24
C GLU A 104 -18.26 13.44 -10.13
N GLN A 105 -19.19 13.60 -11.07
CA GLN A 105 -19.47 12.54 -12.02
C GLN A 105 -18.26 12.30 -12.93
N ALA A 106 -17.67 13.39 -13.40
CA ALA A 106 -16.53 13.31 -14.30
C ALA A 106 -15.32 12.71 -13.62
N ILE A 107 -15.05 13.13 -12.39
CA ILE A 107 -13.89 12.63 -11.65
C ILE A 107 -14.08 11.16 -11.26
N TRP A 108 -15.33 10.73 -11.15
CA TRP A 108 -15.65 9.34 -10.86
C TRP A 108 -15.32 8.48 -12.06
N ALA A 109 -15.72 8.96 -13.24
CA ALA A 109 -15.46 8.25 -14.50
C ALA A 109 -13.96 8.09 -14.72
N LEU A 110 -13.21 9.16 -14.47
CA LEU A 110 -11.76 9.14 -14.62
C LEU A 110 -11.12 8.16 -13.64
N GLY A 111 -11.76 7.98 -12.49
CA GLY A 111 -11.30 7.02 -11.50
C GLY A 111 -11.38 5.60 -12.02
N ASN A 112 -12.45 5.30 -12.74
CA ASN A 112 -12.63 3.97 -13.32
C ASN A 112 -11.67 3.72 -14.48
N VAL A 113 -11.46 4.73 -15.30
CA VAL A 113 -10.55 4.62 -16.43
C VAL A 113 -9.12 4.46 -15.95
N ALA A 114 -8.69 5.33 -15.05
CA ALA A 114 -7.34 5.28 -14.50
C ALA A 114 -7.12 4.00 -13.70
N GLY A 115 -8.17 3.53 -13.04
CA GLY A 115 -8.08 2.34 -12.22
C GLY A 115 -8.13 1.04 -13.01
N ASP A 116 -8.26 1.16 -14.33
CA ASP A 116 -8.34 -0.01 -15.20
C ASP A 116 -6.99 -0.66 -15.40
N SER A 117 -6.01 0.13 -15.80
CA SER A 117 -4.67 -0.37 -16.08
C SER A 117 -3.65 0.77 -16.05
N THR A 118 -2.37 0.43 -16.10
CA THR A 118 -1.32 1.44 -16.11
C THR A 118 -1.34 2.22 -17.43
N ASP A 119 -1.80 1.56 -18.50
CA ASP A 119 -1.93 2.20 -19.80
C ASP A 119 -2.91 3.37 -19.73
N TYR A 120 -4.10 3.11 -19.20
CA TYR A 120 -5.15 4.12 -19.10
C TYR A 120 -4.87 5.11 -17.97
N ARG A 121 -4.16 4.65 -16.94
CA ARG A 121 -3.72 5.53 -15.87
C ARG A 121 -2.82 6.62 -16.44
N ASP A 122 -1.81 6.20 -17.21
CA ASP A 122 -0.86 7.13 -17.80
C ASP A 122 -1.52 7.94 -18.91
N TYR A 123 -2.52 7.35 -19.57
CA TYR A 123 -3.24 8.05 -20.63
C TYR A 123 -4.01 9.23 -20.06
N VAL A 124 -4.67 9.02 -18.93
CA VAL A 124 -5.38 10.09 -18.23
C VAL A 124 -4.41 11.20 -17.84
N LEU A 125 -3.24 10.80 -17.34
CA LEU A 125 -2.20 11.75 -16.98
C LEU A 125 -1.68 12.49 -18.20
N GLN A 126 -1.54 11.77 -19.31
CA GLN A 126 -1.07 12.35 -20.56
C GLN A 126 -2.02 13.43 -21.08
N CYS A 127 -3.30 13.30 -20.75
CA CYS A 127 -4.30 14.29 -21.16
C CYS A 127 -4.35 15.47 -20.19
N ASN A 128 -3.33 15.58 -19.34
CA ASN A 128 -3.20 16.67 -18.39
C ASN A 128 -4.39 16.79 -17.43
N ALA A 129 -4.69 15.70 -16.74
CA ALA A 129 -5.81 15.67 -15.81
C ALA A 129 -5.40 16.15 -14.43
N MET A 130 -4.10 16.12 -14.14
CA MET A 130 -3.62 16.41 -12.80
C MET A 130 -3.98 17.81 -12.32
N GLU A 131 -3.83 18.80 -13.19
CA GLU A 131 -4.09 20.19 -12.82
C GLU A 131 -5.57 20.45 -12.45
N PRO A 132 -6.52 20.02 -13.31
CA PRO A 132 -7.91 20.25 -12.86
C PRO A 132 -8.31 19.38 -11.67
N ILE A 133 -7.71 18.20 -11.54
CA ILE A 133 -8.02 17.30 -10.44
C ILE A 133 -7.57 17.88 -9.10
N LEU A 134 -6.36 18.46 -9.08
CA LEU A 134 -5.83 19.07 -7.87
C LEU A 134 -6.68 20.26 -7.43
N GLY A 135 -7.34 20.91 -8.38
CA GLY A 135 -8.20 22.04 -8.08
C GLY A 135 -9.50 21.64 -7.41
N LEU A 136 -9.85 20.36 -7.51
CA LEU A 136 -11.10 19.86 -6.95
C LEU A 136 -11.06 19.80 -5.41
N PHE A 137 -9.85 19.81 -4.85
CA PHE A 137 -9.70 19.65 -3.40
C PHE A 137 -9.91 20.97 -2.66
N ASN A 138 -10.24 22.02 -3.41
CA ASN A 138 -10.61 23.31 -2.81
C ASN A 138 -12.12 23.49 -2.81
N SER A 139 -12.84 22.38 -3.01
CA SER A 139 -14.29 22.42 -3.12
C SER A 139 -14.98 22.56 -1.76
N ASN A 140 -16.20 23.09 -1.79
CA ASN A 140 -17.01 23.20 -0.59
C ASN A 140 -17.80 21.93 -0.31
N LYS A 141 -17.63 20.93 -1.19
CA LYS A 141 -18.40 19.70 -1.09
C LYS A 141 -17.52 18.50 -0.74
N PRO A 142 -17.75 17.91 0.45
CA PRO A 142 -17.00 16.76 0.96
C PRO A 142 -17.03 15.55 0.04
N SER A 143 -18.17 15.27 -0.59
CA SER A 143 -18.31 14.11 -1.45
C SER A 143 -17.45 14.24 -2.70
N LEU A 144 -17.33 15.45 -3.22
CA LEU A 144 -16.49 15.71 -4.38
C LEU A 144 -15.01 15.48 -4.03
N ILE A 145 -14.60 15.99 -2.88
CA ILE A 145 -13.24 15.78 -2.38
C ILE A 145 -13.00 14.30 -2.13
N ARG A 146 -14.01 13.64 -1.59
CA ARG A 146 -13.96 12.22 -1.29
C ARG A 146 -13.71 11.38 -2.55
N THR A 147 -14.47 11.66 -3.60
CA THR A 147 -14.34 10.92 -4.86
C THR A 147 -13.05 11.29 -5.59
N ALA A 148 -12.69 12.57 -5.54
CA ALA A 148 -11.47 13.03 -6.20
C ALA A 148 -10.23 12.42 -5.56
N THR A 149 -10.31 12.13 -4.26
CA THR A 149 -9.19 11.53 -3.54
C THR A 149 -8.96 10.10 -4.00
N TRP A 150 -10.05 9.38 -4.25
CA TRP A 150 -9.96 8.01 -4.75
C TRP A 150 -9.35 7.96 -6.14
N THR A 151 -9.82 8.85 -7.02
CA THR A 151 -9.29 8.95 -8.38
C THR A 151 -7.80 9.29 -8.35
N LEU A 152 -7.43 10.22 -7.48
CA LEU A 152 -6.05 10.63 -7.32
C LEU A 152 -5.17 9.45 -6.90
N SER A 153 -5.72 8.60 -6.02
CA SER A 153 -5.00 7.42 -5.57
C SER A 153 -4.73 6.46 -6.72
N ASN A 154 -5.70 6.31 -7.61
CA ASN A 154 -5.56 5.45 -8.78
C ASN A 154 -4.50 5.97 -9.76
N LEU A 155 -4.26 7.28 -9.74
CA LEU A 155 -3.26 7.89 -10.60
C LEU A 155 -1.85 7.65 -10.04
N CYS A 156 -1.76 7.35 -8.75
CA CYS A 156 -0.49 7.11 -8.10
C CYS A 156 -0.17 5.62 -8.01
N ARG A 157 -1.18 4.80 -8.26
CA ARG A 157 -1.09 3.36 -8.06
C ARG A 157 -0.39 2.63 -9.21
N GLY A 158 0.35 1.58 -8.88
CA GLY A 158 1.03 0.76 -9.87
C GLY A 158 2.52 1.03 -9.94
N LYS A 159 3.30 -0.04 -10.02
CA LYS A 159 4.76 0.08 -10.08
C LYS A 159 5.34 -0.51 -11.35
N LYS A 160 4.49 -1.13 -12.16
CA LYS A 160 4.94 -1.81 -13.37
C LYS A 160 4.11 -1.37 -14.58
N PRO A 161 4.41 -0.18 -15.13
CA PRO A 161 5.43 0.76 -14.65
C PRO A 161 4.89 1.75 -13.64
N GLN A 162 5.80 2.48 -12.99
CA GLN A 162 5.42 3.57 -12.10
C GLN A 162 4.89 4.74 -12.93
N PRO A 163 4.01 5.55 -12.34
CA PRO A 163 3.55 6.75 -13.06
C PRO A 163 4.67 7.79 -13.12
N ASP A 164 4.59 8.71 -14.08
CA ASP A 164 5.55 9.80 -14.19
C ASP A 164 5.63 10.56 -12.87
N TRP A 165 6.77 10.45 -12.18
CA TRP A 165 6.92 11.08 -10.88
C TRP A 165 6.80 12.59 -10.96
N SER A 166 7.28 13.18 -12.05
CA SER A 166 7.23 14.63 -12.22
C SER A 166 5.80 15.14 -12.28
N VAL A 167 4.85 14.23 -12.55
CA VAL A 167 3.44 14.58 -12.61
C VAL A 167 2.75 14.31 -11.28
N VAL A 168 2.87 13.09 -10.77
CA VAL A 168 2.13 12.68 -9.58
C VAL A 168 2.69 13.30 -8.29
N SER A 169 3.94 13.75 -8.32
CA SER A 169 4.53 14.37 -7.13
C SER A 169 3.93 15.74 -6.87
N GLN A 170 3.25 16.29 -7.88
CA GLN A 170 2.59 17.58 -7.74
C GLN A 170 1.43 17.51 -6.75
N ALA A 171 1.00 16.28 -6.45
CA ALA A 171 -0.14 16.07 -5.57
C ALA A 171 0.28 15.93 -4.10
N LEU A 172 1.59 15.95 -3.85
CA LEU A 172 2.10 15.77 -2.50
C LEU A 172 1.66 16.86 -1.50
N PRO A 173 1.74 18.15 -1.89
CA PRO A 173 1.26 19.15 -0.93
C PRO A 173 -0.23 19.02 -0.63
N THR A 174 -1.01 18.63 -1.64
CA THR A 174 -2.44 18.42 -1.47
C THR A 174 -2.71 17.25 -0.53
N LEU A 175 -2.01 16.14 -0.75
CA LEU A 175 -2.16 14.96 0.10
C LEU A 175 -1.69 15.24 1.52
N ALA A 176 -0.70 16.12 1.67
CA ALA A 176 -0.20 16.50 2.98
C ALA A 176 -1.28 17.17 3.81
N LYS A 177 -2.15 17.93 3.15
CA LYS A 177 -3.27 18.58 3.82
C LYS A 177 -4.42 17.61 4.01
N LEU A 178 -4.60 16.72 3.04
CA LEU A 178 -5.74 15.79 3.03
C LEU A 178 -5.74 14.80 4.18
N ILE A 179 -4.57 14.50 4.74
CA ILE A 179 -4.50 13.57 5.86
C ILE A 179 -4.81 14.26 7.18
N TYR A 180 -5.16 15.53 7.11
CA TYR A 180 -5.65 16.27 8.27
C TYR A 180 -7.17 16.41 8.20
N SER A 181 -7.78 15.70 7.26
CA SER A 181 -9.23 15.78 7.04
C SER A 181 -10.03 15.14 8.16
N MET A 182 -11.29 15.57 8.30
CA MET A 182 -12.19 15.01 9.30
C MET A 182 -12.99 13.85 8.70
N ASP A 183 -13.04 13.80 7.37
CA ASP A 183 -13.77 12.74 6.68
C ASP A 183 -12.96 11.45 6.65
N THR A 184 -13.53 10.39 7.21
CA THR A 184 -12.84 9.10 7.30
C THR A 184 -12.55 8.49 5.93
N GLU A 185 -13.54 8.55 5.03
CA GLU A 185 -13.39 7.97 3.70
C GLU A 185 -12.31 8.71 2.90
N THR A 186 -12.25 10.02 3.06
CA THR A 186 -11.20 10.81 2.42
C THR A 186 -9.84 10.42 2.97
N LEU A 187 -9.81 10.22 4.29
CA LEU A 187 -8.58 9.83 4.99
C LEU A 187 -8.00 8.52 4.47
N VAL A 188 -8.89 7.57 4.20
CA VAL A 188 -8.48 6.24 3.76
C VAL A 188 -7.79 6.27 2.40
N ASP A 189 -8.44 6.86 1.41
CA ASP A 189 -7.90 6.90 0.06
C ASP A 189 -6.70 7.83 -0.05
N ALA A 190 -6.65 8.83 0.81
CA ALA A 190 -5.51 9.74 0.86
C ALA A 190 -4.27 8.99 1.33
N CYS A 191 -4.45 8.12 2.32
CA CYS A 191 -3.36 7.31 2.84
C CYS A 191 -2.92 6.26 1.83
N TRP A 192 -3.88 5.73 1.08
CA TRP A 192 -3.55 4.76 0.03
C TRP A 192 -2.70 5.41 -1.06
N ALA A 193 -3.06 6.63 -1.44
CA ALA A 193 -2.32 7.38 -2.44
C ALA A 193 -0.88 7.61 -2.01
N ILE A 194 -0.70 7.97 -0.74
CA ILE A 194 0.63 8.22 -0.19
C ILE A 194 1.45 6.92 -0.14
N SER A 195 0.80 5.81 0.18
CA SER A 195 1.48 4.52 0.22
C SER A 195 1.98 4.13 -1.16
N TYR A 196 1.26 4.54 -2.20
CA TYR A 196 1.66 4.26 -3.57
C TYR A 196 2.85 5.11 -3.97
N LEU A 197 2.78 6.40 -3.65
CA LEU A 197 3.86 7.34 -3.97
C LEU A 197 5.15 6.99 -3.23
N SER A 198 5.01 6.52 -1.99
CA SER A 198 6.17 6.15 -1.18
C SER A 198 6.66 4.75 -1.53
N ASP A 199 5.91 4.04 -2.36
CA ASP A 199 6.32 2.73 -2.84
C ASP A 199 7.17 2.91 -4.10
N GLY A 200 8.43 3.27 -3.90
CA GLY A 200 9.35 3.50 -4.99
C GLY A 200 10.75 3.81 -4.50
N PRO A 201 11.50 4.60 -5.28
CA PRO A 201 12.90 4.93 -4.97
C PRO A 201 13.05 5.87 -3.77
N GLN A 202 14.27 6.02 -3.27
CA GLN A 202 14.54 6.88 -2.13
C GLN A 202 14.26 8.35 -2.45
N GLU A 203 14.32 8.71 -3.73
CA GLU A 203 13.98 10.06 -4.15
C GLU A 203 12.51 10.33 -3.91
N ALA A 204 11.68 9.31 -4.12
CA ALA A 204 10.24 9.42 -3.88
C ALA A 204 9.96 9.52 -2.39
N ILE A 205 10.66 8.70 -1.61
CA ILE A 205 10.50 8.70 -0.16
C ILE A 205 10.89 10.05 0.43
N GLN A 206 11.96 10.63 -0.09
CA GLN A 206 12.45 11.92 0.39
C GLN A 206 11.44 13.03 0.15
N ALA A 207 10.78 12.98 -1.01
CA ALA A 207 9.79 13.98 -1.36
C ALA A 207 8.59 13.95 -0.40
N VAL A 208 8.21 12.75 0.01
CA VAL A 208 7.13 12.57 0.98
C VAL A 208 7.55 13.14 2.34
N ILE A 209 8.81 12.92 2.69
CA ILE A 209 9.36 13.46 3.93
C ILE A 209 9.41 14.99 3.90
N ASP A 210 9.78 15.54 2.75
CA ASP A 210 9.98 16.98 2.61
C ASP A 210 8.69 17.79 2.77
N VAL A 211 7.55 17.17 2.51
CA VAL A 211 6.27 17.86 2.69
C VAL A 211 5.67 17.56 4.06
N ARG A 212 6.50 17.04 4.96
CA ARG A 212 6.15 16.85 6.38
C ARG A 212 5.00 15.88 6.61
N ILE A 213 4.82 14.94 5.70
CA ILE A 213 3.77 13.94 5.82
C ILE A 213 3.93 12.91 6.96
N PRO A 214 5.16 12.39 7.21
CA PRO A 214 5.30 11.34 8.24
C PRO A 214 4.68 11.64 9.62
N LYS A 215 4.75 12.87 10.09
CA LYS A 215 4.26 13.20 11.43
C LYS A 215 2.77 12.92 11.59
N ARG A 216 1.98 13.29 10.59
CA ARG A 216 0.54 13.06 10.64
C ARG A 216 0.22 11.59 10.37
N LEU A 217 1.03 10.94 9.54
CA LEU A 217 0.86 9.52 9.26
C LEU A 217 0.96 8.69 10.53
N VAL A 218 1.95 9.01 11.36
CA VAL A 218 2.14 8.31 12.63
C VAL A 218 0.92 8.48 13.54
N GLU A 219 0.34 9.68 13.54
CA GLU A 219 -0.86 9.95 14.30
C GLU A 219 -2.01 9.05 13.85
N LEU A 220 -2.11 8.87 12.54
CA LEU A 220 -3.20 8.09 11.94
C LEU A 220 -3.08 6.59 12.22
N LEU A 221 -1.93 6.18 12.76
CA LEU A 221 -1.73 4.78 13.12
C LEU A 221 -2.62 4.38 14.29
N SER A 222 -3.03 5.37 15.07
CA SER A 222 -3.89 5.14 16.23
C SER A 222 -5.33 5.54 15.94
N HIS A 223 -5.65 5.73 14.66
CA HIS A 223 -7.01 6.06 14.26
C HIS A 223 -7.94 4.90 14.59
N GLU A 224 -9.19 5.20 14.91
CA GLU A 224 -10.16 4.21 15.33
C GLU A 224 -10.39 3.13 14.28
N SER A 225 -10.29 3.50 13.01
CA SER A 225 -10.62 2.60 11.91
C SER A 225 -9.39 1.88 11.33
N THR A 226 -9.50 0.56 11.22
CA THR A 226 -8.46 -0.25 10.59
C THR A 226 -8.36 0.06 9.10
N LEU A 227 -9.43 0.65 8.56
CA LEU A 227 -9.43 1.08 7.16
C LEU A 227 -8.50 2.26 6.96
N VAL A 228 -8.21 2.97 8.05
CA VAL A 228 -7.26 4.08 8.02
C VAL A 228 -5.87 3.58 8.41
N GLN A 229 -5.82 2.71 9.42
CA GLN A 229 -4.56 2.18 9.93
C GLN A 229 -3.80 1.40 8.87
N THR A 230 -4.51 0.62 8.06
CA THR A 230 -3.87 -0.26 7.08
C THR A 230 -3.06 0.51 6.02
N PRO A 231 -3.66 1.50 5.33
CA PRO A 231 -2.81 2.19 4.35
C PRO A 231 -1.78 3.11 5.02
N ALA A 232 -2.10 3.62 6.20
CA ALA A 232 -1.19 4.48 6.94
C ALA A 232 0.06 3.71 7.35
N LEU A 233 -0.15 2.50 7.87
CA LEU A 233 0.95 1.63 8.28
C LEU A 233 1.77 1.18 7.06
N ARG A 234 1.09 0.98 5.94
CA ARG A 234 1.76 0.62 4.69
C ARG A 234 2.66 1.76 4.23
N ALA A 235 2.13 2.98 4.28
CA ALA A 235 2.89 4.16 3.90
C ALA A 235 4.11 4.33 4.79
N VAL A 236 3.90 4.23 6.10
CA VAL A 236 4.99 4.32 7.07
C VAL A 236 6.03 3.23 6.85
N GLY A 237 5.55 2.02 6.61
CA GLY A 237 6.42 0.88 6.35
C GLY A 237 7.26 1.06 5.10
N ASN A 238 6.68 1.70 4.08
CA ASN A 238 7.41 1.97 2.84
C ASN A 238 8.53 2.98 3.05
N ILE A 239 8.27 3.98 3.88
CA ILE A 239 9.23 5.05 4.12
C ILE A 239 10.47 4.53 4.83
N VAL A 240 10.28 3.60 5.77
CA VAL A 240 11.41 3.07 6.54
C VAL A 240 12.17 1.98 5.78
N THR A 241 11.83 1.78 4.51
CA THR A 241 12.65 0.94 3.64
C THR A 241 13.75 1.79 3.03
N GLY A 242 13.71 3.09 3.31
CA GLY A 242 14.74 4.01 2.88
C GLY A 242 15.97 3.93 3.76
N ASN A 243 16.85 4.92 3.66
CA ASN A 243 18.10 4.90 4.43
C ASN A 243 17.89 5.25 5.90
N ASP A 244 18.99 5.31 6.64
CA ASP A 244 18.92 5.55 8.08
C ASP A 244 18.42 6.94 8.43
N LEU A 245 18.79 7.93 7.63
CA LEU A 245 18.35 9.30 7.86
C LEU A 245 16.85 9.45 7.65
N GLN A 246 16.35 8.81 6.58
CA GLN A 246 14.92 8.83 6.29
C GLN A 246 14.13 8.08 7.34
N THR A 247 14.70 6.98 7.84
CA THR A 247 14.06 6.18 8.86
C THR A 247 13.99 6.93 10.20
N GLN A 248 15.03 7.70 10.49
CA GLN A 248 15.10 8.46 11.74
C GLN A 248 13.99 9.51 11.82
N VAL A 249 13.59 10.02 10.66
CA VAL A 249 12.49 10.98 10.59
C VAL A 249 11.21 10.37 11.14
N VAL A 250 10.95 9.12 10.74
CA VAL A 250 9.77 8.40 11.18
C VAL A 250 9.86 8.09 12.68
N ILE A 251 11.05 7.74 13.14
CA ILE A 251 11.29 7.48 14.55
C ILE A 251 11.02 8.73 15.38
N ASN A 252 11.53 9.87 14.91
CA ASN A 252 11.34 11.14 15.59
C ASN A 252 9.89 11.59 15.61
N ALA A 253 9.09 11.02 14.71
CA ALA A 253 7.66 11.32 14.65
C ALA A 253 6.89 10.48 15.67
N GLY A 254 7.61 9.60 16.38
CA GLY A 254 7.01 8.80 17.43
C GLY A 254 6.35 7.54 16.93
N VAL A 255 6.97 6.87 15.96
CA VAL A 255 6.37 5.70 15.34
C VAL A 255 6.48 4.46 16.24
N LEU A 256 7.51 4.41 17.08
CA LEU A 256 7.78 3.22 17.87
C LEU A 256 6.72 2.92 18.94
N PRO A 257 6.27 3.93 19.70
CA PRO A 257 5.15 3.62 20.60
C PRO A 257 3.88 3.25 19.84
N ALA A 258 3.70 3.84 18.67
CA ALA A 258 2.53 3.54 17.83
C ALA A 258 2.58 2.11 17.32
N LEU A 259 3.77 1.64 16.99
CA LEU A 259 3.94 0.28 16.48
C LEU A 259 3.71 -0.76 17.57
N ARG A 260 3.99 -0.37 18.82
CA ARG A 260 3.74 -1.25 19.96
C ARG A 260 2.25 -1.54 20.09
N LEU A 261 1.45 -0.51 19.82
CA LEU A 261 0.00 -0.63 19.88
C LEU A 261 -0.54 -1.50 18.74
N LEU A 262 0.11 -1.42 17.58
CA LEU A 262 -0.33 -2.16 16.41
C LEU A 262 0.03 -3.64 16.49
N LEU A 263 1.00 -3.98 17.33
CA LEU A 263 1.41 -5.37 17.49
C LEU A 263 0.34 -6.19 18.21
N SER A 264 -0.61 -5.50 18.83
CA SER A 264 -1.70 -6.17 19.52
C SER A 264 -3.03 -5.94 18.81
N SER A 265 -2.96 -5.58 17.54
CA SER A 265 -4.15 -5.39 16.73
C SER A 265 -4.88 -6.71 16.53
N PRO A 266 -6.21 -6.67 16.53
CA PRO A 266 -7.01 -7.88 16.27
C PRO A 266 -6.83 -8.35 14.83
N LYS A 267 -6.51 -7.42 13.95
CA LYS A 267 -6.26 -7.74 12.54
C LYS A 267 -4.84 -8.24 12.35
N GLU A 268 -4.71 -9.47 11.84
CA GLU A 268 -3.41 -10.11 11.71
C GLU A 268 -2.50 -9.39 10.73
N ASN A 269 -3.07 -8.93 9.62
CA ASN A 269 -2.30 -8.26 8.58
C ASN A 269 -1.69 -6.95 9.09
N ILE A 270 -2.33 -6.34 10.07
CA ILE A 270 -1.78 -5.14 10.69
C ILE A 270 -0.60 -5.53 11.58
N LYS A 271 -0.74 -6.65 12.29
CA LYS A 271 0.34 -7.16 13.13
C LYS A 271 1.56 -7.55 12.30
N LYS A 272 1.32 -8.14 11.13
CA LYS A 272 2.41 -8.54 10.25
C LYS A 272 3.19 -7.35 9.74
N GLU A 273 2.47 -6.36 9.22
CA GLU A 273 3.12 -5.19 8.63
C GLU A 273 3.70 -4.29 9.71
N ALA A 274 3.23 -4.45 10.94
CA ALA A 274 3.84 -3.79 12.09
C ALA A 274 5.20 -4.43 12.36
N CYS A 275 5.25 -5.76 12.29
CA CYS A 275 6.50 -6.49 12.45
C CYS A 275 7.45 -6.16 11.31
N TRP A 276 6.90 -6.07 10.10
CA TRP A 276 7.68 -5.72 8.91
C TRP A 276 8.30 -4.34 9.04
N THR A 277 7.50 -3.38 9.51
CA THR A 277 7.97 -2.01 9.69
C THR A 277 9.08 -1.93 10.74
N ILE A 278 8.87 -2.60 11.87
CA ILE A 278 9.86 -2.63 12.95
C ILE A 278 11.16 -3.26 12.46
N SER A 279 11.06 -4.30 11.63
CA SER A 279 12.22 -5.01 11.11
C SER A 279 13.11 -4.11 10.26
N ASN A 280 12.48 -3.20 9.51
CA ASN A 280 13.23 -2.28 8.67
C ASN A 280 13.78 -1.10 9.48
N ILE A 281 13.41 -1.04 10.74
CA ILE A 281 13.98 -0.06 11.66
C ILE A 281 15.17 -0.68 12.40
N THR A 282 15.01 -1.95 12.79
CA THR A 282 16.11 -2.68 13.42
C THR A 282 17.18 -3.04 12.39
N ALA A 283 16.88 -2.77 11.12
CA ALA A 283 17.84 -2.94 10.05
C ALA A 283 18.78 -1.74 9.96
N GLY A 284 18.47 -0.70 10.72
CA GLY A 284 19.27 0.52 10.74
C GLY A 284 20.48 0.41 11.65
N ASN A 285 20.95 1.56 12.13
CA ASN A 285 22.14 1.60 12.97
C ASN A 285 21.88 1.16 14.41
N THR A 286 22.93 1.18 15.22
CA THR A 286 22.87 0.72 16.61
C THR A 286 21.88 1.54 17.43
N GLU A 287 21.87 2.85 17.20
CA GLU A 287 21.01 3.76 17.95
C GLU A 287 19.53 3.52 17.64
N GLN A 288 19.25 3.09 16.42
CA GLN A 288 17.88 2.83 16.01
C GLN A 288 17.39 1.48 16.55
N ILE A 289 18.30 0.51 16.61
CA ILE A 289 17.99 -0.76 17.26
C ILE A 289 17.71 -0.55 18.74
N GLN A 290 18.51 0.32 19.37
CA GLN A 290 18.35 0.64 20.78
C GLN A 290 17.02 1.32 21.04
N ALA A 291 16.60 2.18 20.12
CA ALA A 291 15.34 2.91 20.25
C ALA A 291 14.15 1.94 20.21
N VAL A 292 14.27 0.90 19.40
CA VAL A 292 13.25 -0.14 19.32
C VAL A 292 13.15 -0.88 20.65
N ILE A 293 14.31 -1.22 21.22
CA ILE A 293 14.38 -1.88 22.52
C ILE A 293 13.77 -1.01 23.60
N ASP A 294 14.15 0.27 23.62
CA ASP A 294 13.66 1.21 24.63
C ASP A 294 12.16 1.42 24.55
N ALA A 295 11.56 1.12 23.41
CA ALA A 295 10.12 1.27 23.23
C ALA A 295 9.38 0.00 23.64
N ASN A 296 10.11 -0.92 24.27
CA ASN A 296 9.55 -2.19 24.74
C ASN A 296 8.88 -2.98 23.63
N LEU A 297 9.54 -3.05 22.48
CA LEU A 297 8.98 -3.72 21.31
C LEU A 297 9.40 -5.19 21.20
N ILE A 298 10.48 -5.54 21.89
CA ILE A 298 11.02 -6.90 21.81
C ILE A 298 10.11 -7.98 22.43
N PRO A 299 9.57 -7.74 23.64
CA PRO A 299 8.71 -8.80 24.21
C PRO A 299 7.49 -9.20 23.35
N PRO A 300 6.75 -8.25 22.75
CA PRO A 300 5.66 -8.74 21.90
C PRO A 300 6.15 -9.39 20.61
N LEU A 301 7.32 -8.98 20.12
CA LEU A 301 7.89 -9.57 18.92
C LEU A 301 8.28 -11.03 19.16
N VAL A 302 8.88 -11.29 20.31
CA VAL A 302 9.29 -12.64 20.68
C VAL A 302 8.09 -13.58 20.75
N LYS A 303 7.01 -13.09 21.33
CA LYS A 303 5.78 -13.87 21.48
C LYS A 303 5.12 -14.14 20.13
N LEU A 304 5.18 -13.16 19.24
CA LEU A 304 4.65 -13.32 17.89
C LEU A 304 5.53 -14.29 17.08
N LEU A 305 6.83 -14.27 17.37
CA LEU A 305 7.77 -15.19 16.75
C LEU A 305 7.47 -16.62 17.20
N GLU A 306 6.87 -16.73 18.38
CA GLU A 306 6.58 -18.02 18.99
C GLU A 306 5.20 -18.57 18.61
N VAL A 307 4.23 -17.67 18.49
CA VAL A 307 2.83 -18.10 18.46
C VAL A 307 2.05 -17.69 17.20
N ALA A 308 2.40 -16.56 16.60
CA ALA A 308 1.59 -15.97 15.52
C ALA A 308 1.55 -16.84 14.26
N GLU A 309 0.71 -16.45 13.31
CA GLU A 309 0.61 -17.16 12.03
C GLU A 309 1.93 -17.04 11.26
N TYR A 310 2.15 -17.98 10.35
CA TYR A 310 3.45 -18.14 9.69
C TYR A 310 4.01 -16.87 9.05
N LYS A 311 3.20 -16.21 8.23
CA LYS A 311 3.68 -15.07 7.46
C LYS A 311 3.82 -13.82 8.35
N THR A 312 3.27 -13.89 9.55
CA THR A 312 3.55 -12.88 10.58
C THR A 312 4.85 -13.23 11.29
N LYS A 313 5.04 -14.52 11.55
CA LYS A 313 6.26 -15.02 12.19
C LYS A 313 7.51 -14.64 11.42
N LYS A 314 7.42 -14.69 10.09
CA LYS A 314 8.55 -14.37 9.22
C LYS A 314 9.06 -12.95 9.46
N GLU A 315 8.13 -12.01 9.59
CA GLU A 315 8.49 -10.61 9.79
C GLU A 315 9.02 -10.35 11.20
N ALA A 316 8.47 -11.07 12.17
CA ALA A 316 8.95 -10.98 13.55
C ALA A 316 10.36 -11.54 13.63
N CYS A 317 10.63 -12.56 12.83
CA CYS A 317 11.96 -13.15 12.74
C CYS A 317 12.95 -12.14 12.17
N TRP A 318 12.55 -11.47 11.10
CA TRP A 318 13.34 -10.41 10.48
C TRP A 318 13.73 -9.34 11.50
N ALA A 319 12.76 -8.93 12.32
CA ALA A 319 12.97 -7.85 13.28
C ALA A 319 13.99 -8.22 14.34
N ILE A 320 13.85 -9.41 14.91
CA ILE A 320 14.76 -9.87 15.95
C ILE A 320 16.14 -10.17 15.38
N SER A 321 16.17 -10.73 14.17
CA SER A 321 17.43 -11.06 13.51
C SER A 321 18.22 -9.80 13.16
N ASN A 322 17.55 -8.81 12.60
CA ASN A 322 18.18 -7.55 12.27
C ASN A 322 18.71 -6.84 13.52
N ALA A 323 17.97 -7.00 14.62
CA ALA A 323 18.38 -6.40 15.89
C ALA A 323 19.63 -7.06 16.43
N SER A 324 19.79 -8.36 16.16
CA SER A 324 20.95 -9.11 16.63
C SER A 324 22.24 -8.64 15.96
N SER A 325 22.10 -7.99 14.81
CA SER A 325 23.25 -7.47 14.08
C SER A 325 23.96 -6.38 14.86
N GLY A 326 23.23 -5.72 15.75
CA GLY A 326 23.81 -4.68 16.58
C GLY A 326 24.56 -5.21 17.77
N GLY A 327 24.69 -6.54 17.83
CA GLY A 327 25.38 -7.20 18.93
C GLY A 327 26.88 -7.07 18.84
N LEU A 328 27.40 -7.02 17.61
CA LEU A 328 28.83 -6.86 17.38
C LEU A 328 29.31 -5.51 17.91
N GLN A 329 28.49 -4.49 17.74
CA GLN A 329 28.82 -3.14 18.17
C GLN A 329 28.43 -2.93 19.63
N ARG A 330 27.28 -3.47 20.02
CA ARG A 330 26.78 -3.32 21.38
C ARG A 330 26.27 -4.66 21.90
N PRO A 331 27.14 -5.42 22.58
CA PRO A 331 26.85 -6.78 23.06
C PRO A 331 25.64 -6.84 23.99
N ASP A 332 25.31 -5.73 24.65
CA ASP A 332 24.16 -5.69 25.55
C ASP A 332 22.84 -5.91 24.82
N ILE A 333 22.83 -5.61 23.52
CA ILE A 333 21.66 -5.83 22.69
C ILE A 333 21.33 -7.32 22.63
N ILE A 334 22.35 -8.14 22.36
CA ILE A 334 22.20 -9.59 22.34
C ILE A 334 21.81 -10.11 23.73
N ARG A 335 22.51 -9.62 24.74
CA ARG A 335 22.27 -10.02 26.12
C ARG A 335 20.81 -9.79 26.51
N TYR A 336 20.25 -8.68 26.03
CA TYR A 336 18.85 -8.38 26.27
C TYR A 336 17.92 -9.26 25.46
N LEU A 337 18.30 -9.53 24.21
CA LEU A 337 17.50 -10.37 23.33
C LEU A 337 17.38 -11.80 23.87
N VAL A 338 18.51 -12.36 24.31
CA VAL A 338 18.52 -13.68 24.90
C VAL A 338 17.71 -13.70 26.20
N SER A 339 17.85 -12.64 26.98
CA SER A 339 17.14 -12.50 28.25
C SER A 339 15.63 -12.48 28.06
N GLN A 340 15.18 -12.04 26.90
CA GLN A 340 13.75 -11.97 26.61
C GLN A 340 13.27 -13.25 25.93
N GLY A 341 14.10 -14.28 25.93
CA GLY A 341 13.73 -15.59 25.46
C GLY A 341 13.50 -15.70 23.96
N CYS A 342 14.48 -15.27 23.17
CA CYS A 342 14.34 -15.28 21.72
C CYS A 342 14.98 -16.50 21.07
N ILE A 343 15.84 -17.18 21.82
CA ILE A 343 16.63 -18.28 21.27
C ILE A 343 15.79 -19.46 20.80
N LYS A 344 14.92 -19.96 21.68
CA LYS A 344 14.07 -21.10 21.32
C LYS A 344 13.10 -20.83 20.16
N PRO A 345 12.39 -19.68 20.18
CA PRO A 345 11.49 -19.43 19.04
C PRO A 345 12.25 -19.34 17.71
N LEU A 346 13.47 -18.82 17.73
CA LEU A 346 14.31 -18.78 16.55
C LEU A 346 14.68 -20.20 16.13
N CYS A 347 15.06 -21.02 17.10
CA CYS A 347 15.47 -22.41 16.82
C CYS A 347 14.33 -23.25 16.25
N ASP A 348 13.13 -23.05 16.79
CA ASP A 348 11.96 -23.82 16.35
C ASP A 348 11.58 -23.46 14.92
N LEU A 349 12.05 -22.31 14.44
CA LEU A 349 11.69 -21.81 13.13
C LEU A 349 12.53 -22.44 12.02
N LEU A 350 13.62 -23.11 12.41
CA LEU A 350 14.57 -23.66 11.47
C LEU A 350 14.05 -24.87 10.68
N GLU A 351 12.99 -25.49 11.19
CA GLU A 351 12.48 -26.72 10.60
C GLU A 351 11.28 -26.48 9.70
N ILE A 352 10.73 -25.27 9.75
CA ILE A 352 9.47 -24.98 9.09
C ILE A 352 9.60 -23.88 8.03
N ALA A 353 10.51 -22.96 8.24
CA ALA A 353 10.56 -21.73 7.46
C ALA A 353 11.11 -21.93 6.05
N ASP A 354 10.94 -20.91 5.21
CA ASP A 354 11.49 -20.92 3.87
C ASP A 354 12.99 -20.69 3.92
N ASN A 355 13.67 -20.96 2.82
CA ASN A 355 15.13 -20.89 2.79
C ASN A 355 15.69 -19.48 3.03
N ARG A 356 14.87 -18.47 2.78
CA ARG A 356 15.29 -17.08 3.05
C ARG A 356 15.14 -16.77 4.53
N ILE A 357 14.02 -17.18 5.12
CA ILE A 357 13.79 -16.98 6.55
C ILE A 357 14.73 -17.86 7.38
N ILE A 358 15.00 -19.07 6.88
CA ILE A 358 15.97 -19.95 7.51
C ILE A 358 17.32 -19.25 7.60
N GLU A 359 17.71 -18.59 6.51
CA GLU A 359 18.95 -17.82 6.48
C GLU A 359 18.88 -16.64 7.43
N VAL A 360 17.76 -15.93 7.44
CA VAL A 360 17.51 -14.87 8.41
C VAL A 360 17.74 -15.38 9.83
N THR A 361 17.17 -16.54 10.10
CA THR A 361 17.24 -17.15 11.42
C THR A 361 18.66 -17.55 11.78
N LEU A 362 19.36 -18.19 10.85
CA LEU A 362 20.74 -18.59 11.06
C LEU A 362 21.63 -17.38 11.30
N ASP A 363 21.31 -16.27 10.64
CA ASP A 363 22.02 -15.01 10.86
C ASP A 363 21.88 -14.56 12.32
N ALA A 364 20.67 -14.64 12.83
CA ALA A 364 20.37 -14.25 14.20
C ALA A 364 21.11 -15.15 15.20
N LEU A 365 21.08 -16.45 14.94
CA LEU A 365 21.68 -17.42 15.84
C LEU A 365 23.20 -17.28 15.92
N GLU A 366 23.84 -17.05 14.78
CA GLU A 366 25.29 -16.89 14.76
C GLU A 366 25.72 -15.62 15.51
N ASN A 367 24.97 -14.55 15.31
CA ASN A 367 25.22 -13.30 16.03
C ASN A 367 25.18 -13.52 17.52
N ILE A 368 24.17 -14.26 17.97
CA ILE A 368 24.01 -14.62 19.37
C ILE A 368 25.21 -15.46 19.83
N LEU A 369 25.70 -16.32 18.94
CA LEU A 369 26.84 -17.16 19.24
C LEU A 369 28.15 -16.38 19.29
N LYS A 370 28.31 -15.44 18.35
CA LYS A 370 29.49 -14.58 18.31
C LYS A 370 29.64 -13.77 19.60
N MET A 371 28.52 -13.21 20.05
CA MET A 371 28.51 -12.43 21.28
C MET A 371 28.80 -13.32 22.48
N GLY A 372 28.19 -14.51 22.50
CA GLY A 372 28.39 -15.45 23.58
C GLY A 372 29.82 -15.94 23.67
N GLU A 373 30.48 -16.02 22.51
CA GLU A 373 31.87 -16.43 22.45
C GLU A 373 32.77 -15.31 22.96
N ALA A 374 32.44 -14.08 22.60
CA ALA A 374 33.21 -12.92 23.03
C ALA A 374 32.99 -12.63 24.50
N ASP A 375 31.82 -13.00 25.01
CA ASP A 375 31.48 -12.79 26.42
C ASP A 375 32.10 -13.88 27.29
N LYS A 376 33.24 -14.41 26.87
CA LYS A 376 33.99 -15.40 27.62
C LYS A 376 35.47 -15.07 27.56
N GLU A 377 35.89 -14.54 26.41
CA GLU A 377 37.26 -14.04 26.25
C GLU A 377 37.35 -12.71 27.01
N ALA A 378 36.19 -12.21 27.44
CA ALA A 378 36.14 -11.06 28.34
C ALA A 378 35.88 -11.53 29.76
N ASN A 384 30.43 -21.36 26.30
CA ASN A 384 29.53 -20.42 25.64
C ASN A 384 28.10 -20.61 26.14
N GLU A 385 27.65 -19.66 26.95
CA GLU A 385 26.32 -19.72 27.55
C GLU A 385 25.23 -19.78 26.47
N ASN A 386 25.37 -18.93 25.45
CA ASN A 386 24.39 -18.90 24.36
C ASN A 386 24.35 -20.20 23.58
N ALA A 387 25.52 -20.81 23.36
CA ALA A 387 25.59 -22.09 22.68
C ALA A 387 24.92 -23.18 23.52
N ASP A 388 25.02 -23.03 24.84
CA ASP A 388 24.39 -23.97 25.76
C ASP A 388 22.88 -23.80 25.73
N PHE A 389 22.42 -22.55 25.67
CA PHE A 389 21.00 -22.26 25.56
C PHE A 389 20.42 -22.78 24.25
N ILE A 390 21.22 -22.68 23.18
CA ILE A 390 20.79 -23.14 21.86
C ILE A 390 20.66 -24.66 21.82
N GLU A 391 21.63 -25.35 22.42
CA GLU A 391 21.60 -26.81 22.48
C GLU A 391 20.36 -27.29 23.22
N LYS A 392 20.08 -26.69 24.37
CA LYS A 392 18.94 -27.07 25.19
C LYS A 392 17.62 -26.71 24.53
N ALA A 393 17.63 -25.68 23.70
CA ALA A 393 16.43 -25.29 22.96
C ALA A 393 16.16 -26.27 21.83
N GLY A 394 17.11 -27.18 21.60
CA GLY A 394 17.00 -28.16 20.55
C GLY A 394 17.51 -27.60 19.23
N GLY A 395 18.19 -26.47 19.31
CA GLY A 395 18.65 -25.75 18.13
C GLY A 395 19.93 -26.28 17.52
N MET A 396 20.80 -26.85 18.35
CA MET A 396 22.05 -27.44 17.87
C MET A 396 21.75 -28.55 16.86
N GLU A 397 20.71 -29.31 17.16
CA GLU A 397 20.26 -30.39 16.28
C GLU A 397 19.69 -29.86 14.97
N LYS A 398 18.87 -28.81 15.07
CA LYS A 398 18.25 -28.20 13.89
C LYS A 398 19.31 -27.67 12.92
N ILE A 399 20.26 -26.90 13.46
CA ILE A 399 21.33 -26.33 12.67
C ILE A 399 22.16 -27.43 11.99
N PHE A 400 22.37 -28.53 12.69
CA PHE A 400 23.09 -29.67 12.14
C PHE A 400 22.32 -30.25 10.96
N ASN A 401 21.00 -30.40 11.11
CA ASN A 401 20.16 -30.93 10.05
C ASN A 401 20.15 -30.00 8.84
N CYS A 402 20.33 -28.71 9.08
CA CYS A 402 20.34 -27.72 8.00
C CYS A 402 21.54 -27.89 7.07
N GLN A 403 22.46 -28.77 7.46
CA GLN A 403 23.60 -29.09 6.61
C GLN A 403 23.21 -30.02 5.47
N GLN A 404 21.95 -30.46 5.47
CA GLN A 404 21.47 -31.28 4.37
C GLN A 404 20.57 -30.45 3.47
N ASN A 405 20.58 -29.14 3.68
CA ASN A 405 19.81 -28.23 2.84
C ASN A 405 20.43 -28.11 1.46
N GLU A 406 19.56 -28.11 0.44
CA GLU A 406 20.02 -28.11 -0.94
C GLU A 406 20.70 -26.79 -1.33
N ASN A 407 20.31 -25.71 -0.65
CA ASN A 407 20.82 -24.39 -0.99
C ASN A 407 22.22 -24.15 -0.43
N ASP A 408 23.07 -23.53 -1.24
CA ASP A 408 24.48 -23.33 -0.90
C ASP A 408 24.71 -22.53 0.39
N LYS A 409 24.07 -21.37 0.48
CA LYS A 409 24.34 -20.43 1.57
C LYS A 409 23.81 -20.86 2.93
N ILE A 410 22.81 -21.75 2.94
CA ILE A 410 22.34 -22.33 4.19
C ILE A 410 23.26 -23.46 4.64
N TYR A 411 23.79 -24.21 3.67
CA TYR A 411 24.73 -25.29 4.00
C TYR A 411 25.96 -24.76 4.71
N GLU A 412 26.74 -23.94 4.00
CA GLU A 412 28.02 -23.46 4.52
C GLU A 412 27.86 -22.62 5.78
N LYS A 413 26.70 -22.00 5.94
CA LYS A 413 26.43 -21.22 7.14
C LYS A 413 26.16 -22.14 8.31
N ALA A 414 25.30 -23.14 8.09
CA ALA A 414 25.02 -24.14 9.11
C ALA A 414 26.28 -24.93 9.42
N TYR A 415 27.11 -25.12 8.40
CA TYR A 415 28.38 -25.82 8.55
C TYR A 415 29.34 -25.04 9.46
N LYS A 416 29.48 -23.75 9.20
CA LYS A 416 30.42 -22.93 9.94
C LYS A 416 29.93 -22.68 11.38
N ILE A 417 28.61 -22.64 11.56
CA ILE A 417 28.04 -22.51 12.89
C ILE A 417 28.37 -23.74 13.74
N ILE A 418 28.19 -24.91 13.13
CA ILE A 418 28.49 -26.18 13.79
C ILE A 418 29.99 -26.30 14.07
N GLU A 419 30.82 -25.92 13.10
CA GLU A 419 32.26 -26.07 13.22
C GLU A 419 32.87 -25.10 14.23
N THR A 420 32.33 -23.89 14.31
CA THR A 420 32.92 -22.84 15.13
C THR A 420 32.49 -22.91 16.60
N TYR A 421 31.22 -23.17 16.84
CA TYR A 421 30.68 -23.09 18.19
C TYR A 421 30.21 -24.43 18.75
N PHE A 422 30.25 -25.46 17.91
CA PHE A 422 29.84 -26.79 18.35
C PHE A 422 30.84 -27.85 17.89
N GLY A 423 32.12 -27.53 17.99
CA GLY A 423 33.18 -28.45 17.59
C GLY A 423 33.59 -29.38 18.71
N ARG B 5 20.01 -5.38 6.49
CA ARG B 5 19.51 -4.85 5.23
C ARG B 5 17.98 -4.79 5.20
N LYS B 6 17.45 -3.82 4.47
CA LYS B 6 16.00 -3.64 4.35
C LYS B 6 15.40 -4.72 3.47
N HIS B 7 14.08 -4.92 3.61
CA HIS B 7 13.39 -5.90 2.79
C HIS B 7 11.90 -5.56 2.63
N LYS B 8 11.36 -5.89 1.46
CA LYS B 8 9.93 -5.81 1.23
C LYS B 8 9.37 -7.23 1.15
N PHE B 9 8.21 -7.45 1.76
CA PHE B 9 7.62 -8.80 1.77
C PHE B 9 6.71 -9.00 0.57
N ASP B 10 6.20 -7.91 0.00
CA ASP B 10 5.27 -7.99 -1.12
C ASP B 10 5.96 -8.45 -2.39
N THR B 11 6.68 -7.53 -3.03
CA THR B 11 7.45 -7.81 -4.25
C THR B 11 6.57 -8.21 -5.45
N SER B 12 5.30 -8.50 -5.19
CA SER B 12 4.39 -8.97 -6.21
C SER B 12 3.58 -7.81 -6.79
N THR B 13 3.92 -7.42 -8.02
CA THR B 13 3.31 -6.25 -8.65
C THR B 13 1.99 -6.58 -9.36
N TRP B 14 0.88 -6.41 -8.63
CA TRP B 14 -0.42 -6.76 -9.17
C TRP B 14 -1.28 -5.54 -9.44
N ALA B 15 -1.47 -5.25 -10.72
CA ALA B 15 -2.32 -4.15 -11.15
C ALA B 15 -3.76 -4.62 -11.27
N LEU B 16 -4.35 -5.02 -10.15
CA LEU B 16 -5.77 -5.35 -10.12
C LEU B 16 -6.57 -4.11 -10.45
N PRO B 17 -7.58 -4.24 -11.32
CA PRO B 17 -8.43 -3.10 -11.65
C PRO B 17 -9.14 -2.53 -10.43
N ASN B 18 -9.01 -1.23 -10.22
CA ASN B 18 -9.64 -0.55 -9.11
C ASN B 18 -10.75 0.35 -9.61
N LYS B 19 -11.98 -0.17 -9.64
CA LYS B 19 -13.11 0.57 -10.18
C LYS B 19 -14.28 0.63 -9.20
N ARG B 20 -15.15 1.61 -9.39
CA ARG B 20 -16.34 1.76 -8.57
C ARG B 20 -17.57 2.06 -9.41
N ARG B 21 -18.61 1.28 -9.22
CA ARG B 21 -19.88 1.54 -9.90
C ARG B 21 -20.70 2.53 -9.09
N ARG B 22 -21.37 3.46 -9.77
CA ARG B 22 -22.23 4.41 -9.07
C ARG B 22 -23.69 4.00 -9.24
N ILE B 23 -24.31 3.66 -8.12
CA ILE B 23 -25.68 3.15 -8.14
C ILE B 23 -26.56 4.01 -7.24
#